data_6VV0
#
_entry.id   6VV0
#
_cell.length_a   175.654
_cell.length_b   175.654
_cell.length_c   124.048
_cell.angle_alpha   90.000
_cell.angle_beta   90.000
_cell.angle_gamma   120.000
#
_symmetry.space_group_name_H-M   'H 3 2'
#
loop_
_entity.id
_entity.type
_entity.pdbx_description
1 polymer 'N-acetyltransferase Eis'
2 non-polymer 2-[(4-amino-6,7-dihydro-5H-cyclopenta[4,5]thieno[2,3-d]pyrimidin-2-yl)sulfanyl]-N-[2-(diethylamino)ethyl]acetamide
3 non-polymer DI(HYDROXYETHYL)ETHER
4 non-polymer 'DIMETHYL SULFOXIDE'
5 non-polymer 'SULFATE ION'
6 non-polymer GLYCEROL
7 water water
#
_entity_poly.entity_id   1
_entity_poly.type   'polypeptide(L)'
_entity_poly.pdbx_seq_one_letter_code
;MGSSHHHHHHSSGLVPRGSHMTVTLCSPTEDDWPGMFLLAAASFTDFIGPESATAWRTLVPTDGAVVVRDGAGPGSEVVG
MALYMDLRLTVPGEVVLPTAGLSFVAVAPTHRRRGLLRAMCAELHRRIADSGYPVAALHASEGGIYGRFGYGPATTLHEL
TVDRRFARFHADAPGGGLGGSSVRLVRPTEHRGEFEAIYERWRQQVPGGLLRPQVLWDELLAEAKAAPGGDRESFALLHP
DGYALYRVDRTDLKLARVSELRAVTADAHCALWRALIGLDSMERISIITHPQDPLPHLLTDTRLARTTWRQDGLWLRIMN
VPAALEARGYAHEVGEFSTVLEVSDGGRFALKIGDGRARCTPTDAAAEIEMDRDVLGSLYLGAHRASTLAAANRLRTKDS
QLLRRLDAAFASDVPVQTAFEF
;
_entity_poly.pdbx_strand_id   A
#
loop_
_chem_comp.id
_chem_comp.type
_chem_comp.name
_chem_comp.formula
DMS non-polymer 'DIMETHYL SULFOXIDE' 'C2 H6 O S'
GOL non-polymer GLYCEROL 'C3 H8 O3'
PEG non-polymer DI(HYDROXYETHYL)ETHER 'C4 H10 O3'
RMV non-polymer 2-[(4-amino-6,7-dihydro-5H-cyclopenta[4,5]thieno[2,3-d]pyrimidin-2-yl)sulfanyl]-N-[2-(diethylamino)ethyl]acetamide 'C17 H25 N5 O S2'
SO4 non-polymer 'SULFATE ION' 'O4 S -2'
#
# COMPACT_ATOMS: atom_id res chain seq x y z
N VAL A 23 28.13 -17.49 -11.18
CA VAL A 23 27.16 -16.52 -10.59
C VAL A 23 26.76 -15.52 -11.69
N THR A 24 25.95 -15.96 -12.65
CA THR A 24 25.39 -15.14 -13.77
C THR A 24 23.92 -14.80 -13.47
N LEU A 25 23.37 -13.79 -14.14
CA LEU A 25 22.05 -13.16 -13.82
C LEU A 25 21.12 -13.26 -15.05
N CYS A 26 20.17 -14.19 -15.05
CA CYS A 26 19.32 -14.53 -16.22
C CYS A 26 17.83 -14.41 -15.89
N SER A 27 16.98 -14.27 -16.91
CA SER A 27 15.51 -14.48 -16.82
C SER A 27 15.26 -15.97 -16.58
N PRO A 28 14.36 -16.37 -15.65
CA PRO A 28 14.06 -17.78 -15.44
C PRO A 28 13.26 -18.47 -16.56
N THR A 29 13.73 -19.68 -16.92
CA THR A 29 13.04 -20.76 -17.68
C THR A 29 11.89 -21.32 -16.83
N GLU A 30 10.97 -22.07 -17.43
CA GLU A 30 9.95 -22.85 -16.68
C GLU A 30 10.67 -23.80 -15.71
N ASP A 31 11.79 -24.38 -16.12
CA ASP A 31 12.62 -25.34 -15.34
C ASP A 31 13.19 -24.69 -14.07
N ASP A 32 13.25 -23.37 -14.00
CA ASP A 32 13.89 -22.64 -12.87
C ASP A 32 12.91 -22.46 -11.70
N TRP A 33 11.60 -22.62 -11.91
CA TRP A 33 10.59 -22.19 -10.92
C TRP A 33 10.59 -23.12 -9.70
N PRO A 34 10.72 -24.46 -9.83
CA PRO A 34 10.86 -25.31 -8.65
C PRO A 34 11.96 -24.82 -7.67
N GLY A 35 13.10 -24.36 -8.20
CA GLY A 35 14.25 -23.89 -7.40
C GLY A 35 13.92 -22.58 -6.69
N MET A 36 13.14 -21.73 -7.37
CA MET A 36 12.65 -20.42 -6.85
C MET A 36 11.69 -20.71 -5.69
N PHE A 37 10.77 -21.65 -5.89
CA PHE A 37 9.77 -22.06 -4.87
C PHE A 37 10.51 -22.62 -3.64
N LEU A 38 11.62 -23.34 -3.84
CA LEU A 38 12.44 -23.86 -2.70
C LEU A 38 13.01 -22.66 -1.95
N LEU A 39 13.69 -21.76 -2.64
CA LEU A 39 14.27 -20.54 -2.02
C LEU A 39 13.16 -19.74 -1.32
N ALA A 40 11.96 -19.70 -1.90
CA ALA A 40 10.78 -18.98 -1.38
C ALA A 40 10.39 -19.54 -0.02
N ALA A 41 10.18 -20.86 0.04
CA ALA A 41 9.81 -21.61 1.26
C ALA A 41 10.82 -21.34 2.37
N ALA A 42 12.10 -21.25 2.03
CA ALA A 42 13.20 -21.08 3.01
C ALA A 42 13.27 -19.62 3.46
N SER A 43 12.90 -18.68 2.60
CA SER A 43 13.18 -17.23 2.79
C SER A 43 11.96 -16.46 3.31
N PHE A 44 10.74 -17.00 3.09
CA PHE A 44 9.45 -16.41 3.53
C PHE A 44 8.60 -17.47 4.24
N THR A 45 8.27 -17.24 5.51
CA THR A 45 7.49 -18.18 6.35
C THR A 45 6.01 -18.12 5.92
N ASP A 46 5.53 -16.94 5.54
CA ASP A 46 4.13 -16.66 5.11
C ASP A 46 3.86 -17.27 3.72
N PHE A 47 4.76 -18.09 3.16
CA PHE A 47 4.62 -18.66 1.79
C PHE A 47 3.48 -19.68 1.81
N ILE A 48 2.56 -19.57 0.85
CA ILE A 48 1.34 -20.44 0.73
C ILE A 48 1.78 -21.76 0.11
N GLY A 49 2.53 -21.71 -1.00
CA GLY A 49 3.06 -22.90 -1.69
C GLY A 49 2.66 -22.91 -3.16
N PRO A 50 3.34 -23.71 -4.02
CA PRO A 50 3.25 -23.58 -5.48
C PRO A 50 1.84 -23.50 -6.09
N GLU A 51 0.84 -24.09 -5.46
CA GLU A 51 -0.55 -24.13 -5.98
C GLU A 51 -1.12 -22.71 -6.00
N SER A 52 -0.75 -21.88 -5.01
CA SER A 52 -1.21 -20.47 -4.83
C SER A 52 -0.41 -19.52 -5.74
N ALA A 53 0.85 -19.86 -6.05
CA ALA A 53 1.78 -19.04 -6.84
C ALA A 53 1.37 -18.98 -8.31
N THR A 54 0.81 -20.07 -8.86
CA THR A 54 0.08 -20.11 -10.16
C THR A 54 -0.66 -18.78 -10.41
N ALA A 55 -1.39 -18.28 -9.43
CA ALA A 55 -2.30 -17.11 -9.53
C ALA A 55 -1.50 -15.81 -9.63
N TRP A 56 -0.52 -15.61 -8.74
CA TRP A 56 0.29 -14.37 -8.69
C TRP A 56 1.18 -14.29 -9.93
N ARG A 57 1.79 -15.43 -10.29
CA ARG A 57 2.59 -15.62 -11.52
C ARG A 57 1.91 -14.93 -12.72
N THR A 58 0.59 -15.06 -12.85
CA THR A 58 -0.20 -14.46 -13.97
C THR A 58 0.05 -12.94 -14.07
N LEU A 59 0.42 -12.27 -12.96
CA LEU A 59 0.60 -10.79 -12.88
C LEU A 59 2.06 -10.39 -13.14
N VAL A 60 2.93 -11.37 -13.31
CA VAL A 60 4.36 -11.12 -13.65
C VAL A 60 4.46 -11.11 -15.18
N PRO A 61 4.87 -9.98 -15.79
CA PRO A 61 5.05 -9.95 -17.24
C PRO A 61 6.23 -10.84 -17.62
N THR A 62 6.32 -11.24 -18.88
CA THR A 62 7.54 -11.78 -19.52
C THR A 62 8.71 -10.83 -19.24
N ASP A 63 9.85 -11.35 -18.80
CA ASP A 63 11.05 -10.53 -18.53
C ASP A 63 10.76 -9.59 -17.34
N GLY A 64 9.86 -10.01 -16.45
CA GLY A 64 9.61 -9.34 -15.17
C GLY A 64 10.33 -9.99 -14.00
N ALA A 65 11.10 -11.05 -14.25
CA ALA A 65 11.77 -11.85 -13.19
C ALA A 65 13.24 -12.04 -13.54
N VAL A 66 14.12 -11.93 -12.54
CA VAL A 66 15.54 -12.35 -12.67
C VAL A 66 15.83 -13.40 -11.59
N VAL A 67 16.70 -14.36 -11.93
CA VAL A 67 17.27 -15.40 -11.03
C VAL A 67 18.79 -15.33 -11.13
N VAL A 68 19.48 -15.82 -10.11
CA VAL A 68 20.95 -15.98 -10.07
C VAL A 68 21.22 -17.46 -9.77
N ARG A 69 21.71 -18.20 -10.77
CA ARG A 69 22.14 -19.61 -10.61
C ARG A 69 23.60 -19.61 -10.17
N ASP A 70 24.05 -20.73 -9.60
CA ASP A 70 25.46 -20.92 -9.17
C ASP A 70 26.15 -21.89 -10.14
N GLY A 71 26.71 -21.36 -11.24
CA GLY A 71 27.50 -22.11 -12.24
C GLY A 71 26.65 -23.00 -13.13
N SER A 76 22.16 -25.93 -12.34
CA SER A 76 22.61 -25.72 -10.94
C SER A 76 21.39 -25.54 -10.03
N GLU A 77 21.48 -24.71 -8.99
CA GLU A 77 20.34 -24.29 -8.13
C GLU A 77 20.25 -22.75 -8.11
N VAL A 78 19.12 -22.22 -7.66
CA VAL A 78 18.77 -20.77 -7.63
C VAL A 78 19.24 -20.19 -6.28
N VAL A 79 20.08 -19.16 -6.26
CA VAL A 79 20.66 -18.58 -5.00
C VAL A 79 20.20 -17.13 -4.83
N GLY A 80 19.30 -16.69 -5.71
CA GLY A 80 18.86 -15.29 -5.78
C GLY A 80 17.76 -15.14 -6.80
N MET A 81 16.67 -14.47 -6.44
CA MET A 81 15.58 -14.14 -7.38
C MET A 81 15.01 -12.78 -6.99
N ALA A 82 14.49 -12.06 -7.99
CA ALA A 82 13.59 -10.89 -7.82
C ALA A 82 12.61 -10.91 -8.99
N LEU A 83 11.44 -10.27 -8.85
CA LEU A 83 10.51 -10.02 -9.97
C LEU A 83 9.63 -8.80 -9.68
N TYR A 84 8.93 -8.29 -10.69
CA TYR A 84 7.88 -7.25 -10.53
C TYR A 84 6.57 -7.76 -11.13
N MET A 85 5.46 -7.25 -10.62
CA MET A 85 4.09 -7.54 -11.14
C MET A 85 3.55 -6.25 -11.76
N ASP A 86 2.70 -6.38 -12.77
CA ASP A 86 1.98 -5.24 -13.40
C ASP A 86 0.81 -4.84 -12.49
N LEU A 87 0.91 -3.68 -11.83
CA LEU A 87 -0.12 -3.18 -10.87
C LEU A 87 -0.64 -1.83 -11.37
N ARG A 88 -1.77 -1.39 -10.83
CA ARG A 88 -2.41 -0.10 -11.17
C ARG A 88 -2.66 0.68 -9.87
N LEU A 89 -1.79 1.62 -9.58
CA LEU A 89 -1.79 2.43 -8.33
C LEU A 89 -2.55 3.73 -8.58
N THR A 90 -3.56 3.98 -7.74
CA THR A 90 -4.37 5.22 -7.69
C THR A 90 -3.60 6.26 -6.88
N VAL A 91 -3.34 7.43 -7.45
CA VAL A 91 -2.56 8.54 -6.81
C VAL A 91 -3.49 9.75 -6.67
N PRO A 92 -3.11 10.80 -5.90
CA PRO A 92 -3.98 11.96 -5.68
C PRO A 92 -4.48 12.59 -7.00
N GLY A 93 -5.76 12.97 -7.02
CA GLY A 93 -6.48 13.41 -8.23
C GLY A 93 -7.16 12.24 -8.92
N GLU A 94 -7.39 11.14 -8.20
CA GLU A 94 -8.01 9.91 -8.78
C GLU A 94 -7.32 9.53 -10.09
N VAL A 95 -6.02 9.79 -10.20
CA VAL A 95 -5.20 9.38 -11.37
C VAL A 95 -4.65 7.99 -11.08
N VAL A 96 -4.68 7.10 -12.07
CA VAL A 96 -4.23 5.68 -11.96
C VAL A 96 -2.95 5.50 -12.78
N LEU A 97 -1.82 5.19 -12.13
CA LEU A 97 -0.50 4.94 -12.77
C LEU A 97 -0.25 3.45 -12.95
N PRO A 98 0.35 3.03 -14.08
CA PRO A 98 0.92 1.69 -14.18
C PRO A 98 2.11 1.67 -13.24
N THR A 99 2.21 0.63 -12.41
CA THR A 99 3.18 0.53 -11.29
C THR A 99 3.81 -0.86 -11.32
N ALA A 100 5.15 -0.91 -11.40
CA ALA A 100 5.92 -2.15 -11.20
C ALA A 100 5.96 -2.46 -9.71
N GLY A 101 5.24 -3.50 -9.28
CA GLY A 101 5.27 -3.99 -7.90
C GLY A 101 6.38 -5.02 -7.68
N LEU A 102 7.47 -4.63 -7.01
CA LEU A 102 8.61 -5.55 -6.71
C LEU A 102 8.17 -6.50 -5.61
N SER A 103 8.62 -7.74 -5.70
CA SER A 103 8.12 -8.85 -4.87
C SER A 103 9.02 -10.06 -5.05
N PHE A 104 8.87 -11.05 -4.18
CA PHE A 104 9.53 -12.37 -4.30
C PHE A 104 11.06 -12.17 -4.37
N VAL A 105 11.56 -11.13 -3.70
CA VAL A 105 13.02 -10.81 -3.59
C VAL A 105 13.64 -11.68 -2.50
N ALA A 106 14.66 -12.46 -2.82
CA ALA A 106 15.33 -13.40 -1.90
C ALA A 106 16.74 -13.70 -2.41
N VAL A 107 17.68 -13.77 -1.48
CA VAL A 107 19.06 -14.29 -1.69
C VAL A 107 19.23 -15.48 -0.74
N ALA A 108 19.84 -16.57 -1.21
CA ALA A 108 20.05 -17.78 -0.40
C ALA A 108 20.90 -17.43 0.82
N PRO A 109 20.67 -18.07 1.99
CA PRO A 109 21.50 -17.83 3.17
C PRO A 109 22.96 -18.19 2.91
N THR A 110 23.20 -19.09 1.95
CA THR A 110 24.53 -19.58 1.51
C THR A 110 25.29 -18.53 0.68
N HIS A 111 24.65 -17.42 0.26
CA HIS A 111 25.22 -16.41 -0.68
C HIS A 111 24.98 -14.97 -0.21
N ARG A 112 24.92 -14.72 1.10
CA ARG A 112 24.74 -13.35 1.67
C ARG A 112 25.96 -12.48 1.33
N ARG A 113 25.87 -11.16 1.62
CA ARG A 113 26.96 -10.16 1.50
C ARG A 113 27.84 -10.46 0.27
N ARG A 114 27.22 -10.74 -0.87
CA ARG A 114 27.90 -11.03 -2.16
C ARG A 114 27.35 -10.12 -3.27
N GLY A 115 26.61 -9.06 -2.91
CA GLY A 115 26.09 -8.03 -3.84
C GLY A 115 25.11 -8.59 -4.85
N LEU A 116 24.53 -9.76 -4.61
CA LEU A 116 23.48 -10.38 -5.46
C LEU A 116 22.22 -9.52 -5.45
N LEU A 117 21.87 -8.93 -4.30
CA LEU A 117 20.71 -8.01 -4.21
C LEU A 117 20.97 -6.75 -5.03
N ARG A 118 22.12 -6.10 -4.84
CA ARG A 118 22.50 -4.86 -5.58
C ARG A 118 22.38 -5.11 -7.09
N ALA A 119 22.80 -6.29 -7.57
CA ALA A 119 22.84 -6.64 -9.01
C ALA A 119 21.44 -6.92 -9.53
N MET A 120 20.62 -7.68 -8.79
CA MET A 120 19.25 -8.08 -9.22
C MET A 120 18.34 -6.86 -9.29
N CYS A 121 18.36 -6.01 -8.25
CA CYS A 121 17.54 -4.76 -8.15
C CYS A 121 17.90 -3.82 -9.30
N ALA A 122 19.19 -3.63 -9.55
CA ALA A 122 19.75 -2.78 -10.65
C ALA A 122 19.23 -3.24 -12.02
N GLU A 123 19.13 -4.56 -12.23
CA GLU A 123 18.69 -5.16 -13.51
C GLU A 123 17.18 -4.97 -13.67
N LEU A 124 16.38 -5.22 -12.64
CA LEU A 124 14.90 -5.04 -12.71
C LEU A 124 14.58 -3.56 -12.93
N HIS A 125 15.28 -2.65 -12.23
CA HIS A 125 15.08 -1.18 -12.32
C HIS A 125 15.37 -0.66 -13.73
N ARG A 126 16.35 -1.26 -14.41
CA ARG A 126 16.63 -1.01 -15.85
C ARG A 126 15.38 -1.40 -16.68
N ARG A 127 14.87 -2.61 -16.50
CA ARG A 127 13.73 -3.17 -17.27
C ARG A 127 12.46 -2.38 -17.01
N ILE A 128 12.22 -2.07 -15.74
CA ILE A 128 11.03 -1.29 -15.27
C ILE A 128 11.07 0.08 -15.95
N ALA A 129 12.24 0.71 -16.01
CA ALA A 129 12.46 2.06 -16.60
C ALA A 129 12.23 2.00 -18.12
N ASP A 130 12.78 0.99 -18.80
CA ASP A 130 12.76 0.86 -20.29
C ASP A 130 11.37 0.41 -20.77
N SER A 131 10.56 -0.20 -19.90
CA SER A 131 9.17 -0.62 -20.20
C SER A 131 8.22 0.57 -20.04
N GLY A 132 8.67 1.65 -19.40
CA GLY A 132 7.96 2.95 -19.36
C GLY A 132 7.03 3.10 -18.16
N TYR A 133 7.21 2.27 -17.13
CA TYR A 133 6.60 2.45 -15.79
C TYR A 133 7.14 3.73 -15.16
N PRO A 134 6.28 4.69 -14.77
CA PRO A 134 6.73 5.90 -14.08
C PRO A 134 7.12 5.69 -12.61
N VAL A 135 6.48 4.73 -11.91
CA VAL A 135 6.81 4.39 -10.49
C VAL A 135 6.90 2.88 -10.31
N ALA A 136 7.70 2.47 -9.31
CA ALA A 136 7.78 1.12 -8.75
C ALA A 136 7.36 1.19 -7.28
N ALA A 137 6.85 0.07 -6.75
CA ALA A 137 6.33 -0.06 -5.36
C ALA A 137 6.70 -1.42 -4.76
N LEU A 138 6.77 -1.48 -3.43
CA LEU A 138 6.98 -2.74 -2.69
C LEU A 138 6.50 -2.57 -1.24
N HIS A 139 6.35 -3.72 -0.56
CA HIS A 139 6.14 -3.88 0.90
C HIS A 139 7.43 -4.43 1.53
N ALA A 140 8.03 -3.70 2.46
CA ALA A 140 9.36 -3.99 3.05
C ALA A 140 9.24 -5.07 4.12
N SER A 141 10.15 -6.03 4.16
CA SER A 141 10.26 -7.04 5.25
C SER A 141 11.18 -6.51 6.36
N GLU A 142 12.05 -5.54 6.05
CA GLU A 142 12.83 -4.74 7.05
C GLU A 142 12.76 -3.26 6.65
N GLY A 143 12.85 -2.35 7.62
CA GLY A 143 12.72 -0.90 7.38
C GLY A 143 14.01 -0.24 6.92
N GLY A 144 15.09 -0.99 6.70
CA GLY A 144 16.46 -0.46 6.53
C GLY A 144 17.18 -0.91 5.25
N ILE A 145 16.57 -1.82 4.47
CA ILE A 145 17.19 -2.41 3.24
C ILE A 145 16.94 -1.48 2.04
N TYR A 146 15.79 -0.77 2.00
CA TYR A 146 15.14 -0.33 0.73
C TYR A 146 15.39 1.17 0.47
N GLY A 147 15.70 1.95 1.51
CA GLY A 147 16.06 3.37 1.35
C GLY A 147 17.16 3.58 0.32
N ARG A 148 18.17 2.70 0.28
CA ARG A 148 19.41 2.93 -0.51
C ARG A 148 19.15 2.63 -2.00
N PHE A 149 18.05 1.98 -2.36
CA PHE A 149 17.70 1.71 -3.78
C PHE A 149 16.66 2.71 -4.29
N GLY A 150 16.34 3.75 -3.51
CA GLY A 150 15.49 4.90 -3.91
C GLY A 150 14.01 4.72 -3.55
N TYR A 151 13.68 3.80 -2.64
CA TYR A 151 12.30 3.56 -2.16
C TYR A 151 12.05 4.32 -0.85
N GLY A 152 10.96 5.09 -0.81
CA GLY A 152 10.55 5.86 0.37
C GLY A 152 9.21 5.35 0.90
N PRO A 153 9.05 5.22 2.23
CA PRO A 153 7.77 4.82 2.81
C PRO A 153 6.71 5.87 2.45
N ALA A 154 5.64 5.46 1.78
CA ALA A 154 4.67 6.34 1.12
C ALA A 154 3.31 6.30 1.82
N THR A 155 3.01 5.22 2.56
CA THR A 155 1.75 5.04 3.33
C THR A 155 2.05 4.45 4.72
N THR A 156 1.13 4.66 5.66
CA THR A 156 1.25 4.26 7.08
C THR A 156 0.09 3.35 7.45
N LEU A 157 0.40 2.11 7.82
CA LEU A 157 -0.51 1.17 8.53
C LEU A 157 -0.59 1.59 10.00
N HIS A 158 -1.71 1.28 10.64
CA HIS A 158 -2.16 1.85 11.92
C HIS A 158 -3.19 0.88 12.49
N GLU A 159 -2.81 0.05 13.46
CA GLU A 159 -3.73 -0.92 14.10
C GLU A 159 -4.55 -0.20 15.17
N LEU A 160 -5.88 -0.20 15.03
CA LEU A 160 -6.84 0.20 16.09
C LEU A 160 -7.41 -1.07 16.73
N THR A 161 -7.46 -1.10 18.07
CA THR A 161 -8.07 -2.19 18.86
C THR A 161 -9.14 -1.56 19.76
N VAL A 162 -10.40 -1.98 19.61
CA VAL A 162 -11.58 -1.38 20.31
C VAL A 162 -12.00 -2.31 21.45
N ASP A 163 -11.98 -1.86 22.70
CA ASP A 163 -12.69 -2.60 23.78
C ASP A 163 -14.19 -2.35 23.59
N ARG A 164 -14.87 -3.27 22.91
CA ARG A 164 -16.24 -3.03 22.37
C ARG A 164 -17.28 -3.16 23.48
N ARG A 165 -16.88 -3.59 24.67
CA ARG A 165 -17.77 -3.66 25.85
C ARG A 165 -18.14 -2.25 26.31
N PHE A 166 -17.25 -1.28 26.18
CA PHE A 166 -17.45 0.12 26.65
C PHE A 166 -17.92 1.03 25.51
N ALA A 167 -17.96 0.55 24.27
CA ALA A 167 -18.16 1.39 23.05
C ALA A 167 -19.63 1.78 22.89
N ARG A 168 -19.92 3.07 23.04
CA ARG A 168 -21.25 3.67 22.74
C ARG A 168 -21.00 4.69 21.62
N PHE A 169 -21.85 4.71 20.60
CA PHE A 169 -21.74 5.67 19.48
C PHE A 169 -22.27 7.05 19.94
N HIS A 170 -21.61 8.11 19.47
CA HIS A 170 -21.98 9.54 19.64
C HIS A 170 -23.38 9.78 19.03
N ALA A 171 -24.07 10.83 19.49
CA ALA A 171 -25.41 11.25 19.00
C ALA A 171 -25.30 11.68 17.53
N ASP A 172 -24.16 12.25 17.14
CA ASP A 172 -23.91 12.87 15.82
C ASP A 172 -23.67 11.76 14.77
N ALA A 173 -23.35 10.53 15.19
CA ALA A 173 -22.98 9.41 14.30
C ALA A 173 -24.14 9.04 13.36
N PRO A 174 -23.91 8.83 12.04
CA PRO A 174 -24.99 8.41 11.14
C PRO A 174 -25.56 7.01 11.44
N GLY A 175 -26.87 6.85 11.19
CA GLY A 175 -27.59 5.56 11.22
C GLY A 175 -27.89 5.08 12.64
N GLY A 176 -28.18 6.00 13.56
CA GLY A 176 -28.44 5.70 14.99
C GLY A 176 -29.88 5.99 15.37
N GLY A 177 -30.84 5.71 14.48
CA GLY A 177 -32.28 5.93 14.68
C GLY A 177 -33.06 4.61 14.78
N LEU A 178 -34.37 4.66 14.54
CA LEU A 178 -35.29 3.48 14.53
C LEU A 178 -35.24 2.82 13.15
N GLY A 179 -36.15 1.87 12.88
CA GLY A 179 -36.23 1.12 11.61
C GLY A 179 -35.07 0.15 11.46
N GLY A 180 -34.91 -0.42 10.26
CA GLY A 180 -34.03 -1.58 9.98
C GLY A 180 -32.57 -1.18 9.81
N SER A 181 -31.66 -2.14 10.01
CA SER A 181 -30.23 -2.05 9.60
C SER A 181 -30.16 -2.31 8.10
N SER A 182 -29.16 -1.72 7.44
CA SER A 182 -28.89 -1.88 5.99
C SER A 182 -27.74 -2.87 5.79
N VAL A 183 -27.13 -3.35 6.89
CA VAL A 183 -25.97 -4.30 6.90
C VAL A 183 -26.50 -5.72 7.12
N ARG A 184 -25.98 -6.69 6.37
CA ARG A 184 -26.32 -8.13 6.49
C ARG A 184 -25.05 -8.91 6.86
N LEU A 185 -25.21 -9.97 7.65
CA LEU A 185 -24.14 -10.97 7.93
C LEU A 185 -24.23 -12.10 6.90
N VAL A 186 -23.13 -12.37 6.18
CA VAL A 186 -23.15 -13.30 5.02
C VAL A 186 -21.88 -14.16 4.99
N ARG A 187 -21.94 -15.26 4.23
CA ARG A 187 -20.77 -16.04 3.78
C ARG A 187 -20.06 -15.25 2.68
N PRO A 188 -18.73 -15.01 2.77
CA PRO A 188 -18.03 -14.24 1.74
C PRO A 188 -18.15 -14.83 0.34
N THR A 189 -18.09 -16.15 0.22
CA THR A 189 -18.02 -16.92 -1.05
C THR A 189 -19.29 -16.70 -1.89
N GLU A 190 -20.44 -16.40 -1.29
CA GLU A 190 -21.76 -16.29 -1.98
C GLU A 190 -22.06 -14.84 -2.38
N HIS A 191 -21.13 -13.91 -2.18
CA HIS A 191 -21.30 -12.45 -2.43
C HIS A 191 -19.99 -11.85 -2.97
N ARG A 192 -19.27 -12.62 -3.79
CA ARG A 192 -18.02 -12.20 -4.45
C ARG A 192 -18.31 -10.97 -5.32
N GLY A 193 -19.33 -11.05 -6.16
CA GLY A 193 -19.77 -9.96 -7.06
C GLY A 193 -19.83 -8.62 -6.36
N GLU A 194 -20.54 -8.55 -5.23
CA GLU A 194 -20.78 -7.29 -4.49
C GLU A 194 -19.46 -6.76 -3.91
N PHE A 195 -18.62 -7.64 -3.35
CA PHE A 195 -17.32 -7.23 -2.77
C PHE A 195 -16.45 -6.62 -3.88
N GLU A 196 -16.42 -7.24 -5.06
CA GLU A 196 -15.68 -6.75 -6.27
C GLU A 196 -16.17 -5.35 -6.66
N ALA A 197 -17.46 -5.21 -6.95
CA ALA A 197 -18.14 -3.92 -7.24
C ALA A 197 -17.63 -2.84 -6.28
N ILE A 198 -17.65 -3.12 -4.97
CA ILE A 198 -17.41 -2.10 -3.90
C ILE A 198 -15.92 -1.77 -3.90
N TYR A 199 -15.06 -2.78 -3.94
CA TYR A 199 -13.59 -2.62 -3.94
C TYR A 199 -13.19 -1.80 -5.17
N GLU A 200 -13.78 -2.10 -6.33
CA GLU A 200 -13.52 -1.36 -7.60
C GLU A 200 -13.85 0.12 -7.38
N ARG A 201 -15.01 0.42 -6.83
CA ARG A 201 -15.41 1.83 -6.52
C ARG A 201 -14.37 2.47 -5.58
N TRP A 202 -14.01 1.75 -4.53
CA TRP A 202 -13.11 2.23 -3.46
C TRP A 202 -11.73 2.56 -4.02
N ARG A 203 -11.17 1.66 -4.81
CA ARG A 203 -9.73 1.73 -5.22
C ARG A 203 -9.52 2.87 -6.22
N GLN A 204 -10.57 3.26 -6.96
CA GLN A 204 -10.51 4.31 -8.02
C GLN A 204 -10.54 5.70 -7.40
N GLN A 205 -10.95 5.85 -6.15
CA GLN A 205 -11.13 7.20 -5.56
C GLN A 205 -10.21 7.38 -4.34
N VAL A 206 -9.29 6.46 -4.06
CA VAL A 206 -8.47 6.48 -2.80
C VAL A 206 -6.99 6.32 -3.15
N PRO A 207 -6.15 7.36 -2.88
CA PRO A 207 -4.71 7.23 -3.02
C PRO A 207 -4.13 6.04 -2.23
N GLY A 208 -3.36 5.21 -2.93
CA GLY A 208 -2.85 3.91 -2.43
C GLY A 208 -3.68 2.76 -2.97
N GLY A 209 -4.81 3.05 -3.63
CA GLY A 209 -5.70 2.01 -4.18
C GLY A 209 -4.99 1.16 -5.24
N LEU A 210 -5.18 -0.15 -5.21
CA LEU A 210 -4.68 -1.07 -6.26
C LEU A 210 -5.86 -1.80 -6.93
N LEU A 211 -5.85 -1.85 -8.25
CA LEU A 211 -6.66 -2.81 -9.03
C LEU A 211 -6.38 -4.20 -8.45
N ARG A 212 -7.41 -4.94 -8.07
CA ARG A 212 -7.28 -6.34 -7.60
C ARG A 212 -7.85 -7.24 -8.68
N PRO A 213 -7.00 -7.96 -9.46
CA PRO A 213 -7.48 -8.81 -10.54
C PRO A 213 -8.23 -10.07 -10.07
N GLN A 214 -8.99 -10.70 -10.98
CA GLN A 214 -9.81 -11.92 -10.71
C GLN A 214 -9.04 -12.92 -9.84
N VAL A 215 -7.78 -13.24 -10.19
CA VAL A 215 -7.02 -14.35 -9.56
C VAL A 215 -6.72 -14.05 -8.09
N LEU A 216 -6.67 -12.77 -7.68
CA LEU A 216 -6.37 -12.39 -6.27
C LEU A 216 -7.65 -12.38 -5.42
N TRP A 217 -8.83 -12.33 -6.06
CA TRP A 217 -10.15 -12.58 -5.41
C TRP A 217 -10.34 -14.09 -5.20
N ASP A 218 -9.93 -14.91 -6.17
CA ASP A 218 -9.88 -16.39 -6.01
C ASP A 218 -9.13 -16.71 -4.71
N GLU A 219 -7.97 -16.08 -4.52
CA GLU A 219 -7.04 -16.32 -3.39
C GLU A 219 -7.63 -15.77 -2.09
N LEU A 220 -8.16 -14.54 -2.11
CA LEU A 220 -8.76 -13.89 -0.91
C LEU A 220 -9.89 -14.76 -0.34
N LEU A 221 -10.69 -15.40 -1.20
CA LEU A 221 -11.89 -16.19 -0.83
C LEU A 221 -11.57 -17.66 -0.55
N ALA A 222 -10.33 -18.10 -0.79
CA ALA A 222 -9.82 -19.44 -0.42
C ALA A 222 -9.24 -19.40 1.00
N GLU A 223 -8.89 -18.20 1.48
CA GLU A 223 -8.46 -17.92 2.88
C GLU A 223 -9.66 -17.56 3.76
N ALA A 224 -10.85 -17.40 3.18
CA ALA A 224 -12.10 -17.12 3.92
C ALA A 224 -12.55 -18.39 4.65
N LYS A 225 -12.31 -19.56 4.06
CA LYS A 225 -12.69 -20.91 4.59
C LYS A 225 -11.69 -21.31 5.68
N ALA A 226 -12.18 -21.90 6.78
CA ALA A 226 -11.40 -22.38 7.93
C ALA A 226 -10.47 -23.52 7.51
N ALA A 227 -9.23 -23.50 7.98
CA ALA A 227 -8.19 -24.52 7.72
C ALA A 227 -8.01 -25.41 8.94
N PRO A 228 -7.76 -26.73 8.77
CA PRO A 228 -7.59 -27.64 9.91
C PRO A 228 -6.36 -27.27 10.77
N GLY A 229 -6.58 -26.91 12.04
CA GLY A 229 -5.56 -26.47 13.00
C GLY A 229 -4.92 -25.15 12.60
N GLY A 230 -5.59 -24.34 11.78
CA GLY A 230 -5.11 -23.05 11.27
C GLY A 230 -6.05 -21.91 11.63
N ASP A 231 -6.38 -21.04 10.68
CA ASP A 231 -7.29 -19.87 10.86
C ASP A 231 -8.74 -20.37 10.89
N ARG A 232 -9.63 -19.60 11.53
CA ARG A 232 -11.07 -19.95 11.73
C ARG A 232 -11.88 -19.41 10.54
N GLU A 233 -13.16 -19.78 10.46
CA GLU A 233 -14.06 -19.34 9.36
C GLU A 233 -14.14 -17.81 9.36
N SER A 234 -14.08 -17.19 8.18
CA SER A 234 -14.28 -15.73 7.96
C SER A 234 -15.75 -15.43 7.68
N PHE A 235 -16.23 -14.36 8.29
CA PHE A 235 -17.59 -13.82 8.07
C PHE A 235 -17.45 -12.44 7.42
N ALA A 236 -18.53 -12.02 6.76
CA ALA A 236 -18.60 -10.73 6.06
C ALA A 236 -19.82 -9.97 6.56
N LEU A 237 -19.66 -8.66 6.76
CA LEU A 237 -20.78 -7.72 6.92
C LEU A 237 -20.90 -6.96 5.61
N LEU A 238 -22.05 -7.04 4.95
CA LEU A 238 -22.27 -6.48 3.60
C LEU A 238 -23.29 -5.34 3.68
N HIS A 239 -22.87 -4.16 3.23
CA HIS A 239 -23.71 -2.94 3.02
C HIS A 239 -23.79 -2.69 1.51
N PRO A 240 -24.82 -1.97 1.04
CA PRO A 240 -24.83 -1.50 -0.35
C PRO A 240 -23.54 -0.80 -0.83
N ASP A 241 -22.80 -0.14 0.06
CA ASP A 241 -21.65 0.74 -0.27
C ASP A 241 -20.44 0.46 0.63
N GLY A 242 -20.31 -0.79 1.12
CA GLY A 242 -19.21 -1.18 2.02
C GLY A 242 -19.26 -2.67 2.35
N TYR A 243 -18.14 -3.23 2.79
CA TYR A 243 -18.06 -4.59 3.36
C TYR A 243 -16.92 -4.62 4.37
N ALA A 244 -16.96 -5.60 5.28
CA ALA A 244 -15.94 -5.91 6.29
C ALA A 244 -15.81 -7.44 6.40
N LEU A 245 -14.65 -7.99 6.04
CA LEU A 245 -14.28 -9.40 6.31
C LEU A 245 -13.60 -9.46 7.68
N TYR A 246 -14.01 -10.41 8.51
CA TYR A 246 -13.51 -10.60 9.88
C TYR A 246 -13.53 -12.08 10.22
N ARG A 247 -12.63 -12.50 11.11
CA ARG A 247 -12.57 -13.87 11.68
C ARG A 247 -12.14 -13.72 13.14
N VAL A 248 -12.48 -14.67 14.00
CA VAL A 248 -11.98 -14.68 15.40
C VAL A 248 -10.54 -15.18 15.39
N ASP A 249 -9.68 -14.65 16.26
CA ASP A 249 -8.24 -14.99 16.35
C ASP A 249 -8.09 -16.47 16.70
N ARG A 250 -7.04 -17.12 16.20
CA ARG A 250 -6.73 -18.56 16.43
C ARG A 250 -6.76 -18.90 17.92
N THR A 251 -5.92 -18.23 18.70
CA THR A 251 -5.62 -18.56 20.12
C THR A 251 -6.47 -17.68 21.06
N ASP A 252 -6.58 -16.37 20.78
CA ASP A 252 -7.36 -15.41 21.61
C ASP A 252 -8.80 -15.35 21.08
N LEU A 253 -9.72 -16.05 21.74
CA LEU A 253 -11.10 -16.29 21.23
C LEU A 253 -12.04 -15.13 21.60
N LYS A 254 -11.55 -14.09 22.28
CA LYS A 254 -12.36 -12.90 22.63
C LYS A 254 -11.97 -11.72 21.74
N LEU A 255 -11.06 -11.94 20.78
CA LEU A 255 -10.59 -10.93 19.79
C LEU A 255 -11.12 -11.30 18.41
N ALA A 256 -11.80 -10.37 17.72
CA ALA A 256 -12.11 -10.49 16.27
C ALA A 256 -11.10 -9.64 15.48
N ARG A 257 -10.46 -10.24 14.48
CA ARG A 257 -9.56 -9.54 13.54
C ARG A 257 -10.35 -9.16 12.27
N VAL A 258 -10.33 -7.88 11.92
CA VAL A 258 -10.98 -7.32 10.70
C VAL A 258 -9.92 -7.29 9.61
N SER A 259 -9.89 -8.32 8.75
CA SER A 259 -8.85 -8.51 7.71
C SER A 259 -8.95 -7.40 6.68
N GLU A 260 -10.16 -6.90 6.41
CA GLU A 260 -10.40 -5.94 5.32
C GLU A 260 -11.73 -5.21 5.54
N LEU A 261 -11.73 -3.88 5.58
CA LEU A 261 -12.98 -3.08 5.58
C LEU A 261 -12.88 -2.02 4.49
N ARG A 262 -13.71 -2.13 3.46
CA ARG A 262 -13.86 -1.14 2.36
C ARG A 262 -15.22 -0.48 2.46
N ALA A 263 -15.27 0.86 2.43
CA ALA A 263 -16.50 1.67 2.49
C ALA A 263 -16.36 2.89 1.58
N VAL A 264 -17.35 3.12 0.72
CA VAL A 264 -17.35 4.21 -0.29
C VAL A 264 -18.04 5.46 0.28
N THR A 265 -18.78 5.33 1.39
CA THR A 265 -19.59 6.42 2.02
C THR A 265 -19.43 6.38 3.55
N ALA A 266 -19.51 7.53 4.22
CA ALA A 266 -19.42 7.65 5.70
C ALA A 266 -20.51 6.78 6.32
N ASP A 267 -21.67 6.73 5.67
CA ASP A 267 -22.85 5.94 6.14
C ASP A 267 -22.42 4.47 6.20
N ALA A 268 -21.90 3.94 5.10
CA ALA A 268 -21.43 2.54 5.01
C ALA A 268 -20.45 2.25 6.16
N HIS A 269 -19.49 3.15 6.39
CA HIS A 269 -18.38 3.00 7.38
C HIS A 269 -18.97 2.93 8.79
N CYS A 270 -19.85 3.85 9.14
CA CYS A 270 -20.52 3.90 10.46
C CYS A 270 -21.36 2.61 10.67
N ALA A 271 -22.18 2.26 9.68
CA ALA A 271 -23.12 1.11 9.70
C ALA A 271 -22.34 -0.17 9.93
N LEU A 272 -21.21 -0.34 9.23
CA LEU A 272 -20.35 -1.54 9.37
C LEU A 272 -19.78 -1.62 10.79
N TRP A 273 -19.41 -0.49 11.39
CA TRP A 273 -18.79 -0.46 12.75
C TRP A 273 -19.85 -0.70 13.83
N ARG A 274 -21.07 -0.17 13.66
CA ARG A 274 -22.22 -0.51 14.55
C ARG A 274 -22.36 -2.03 14.62
N ALA A 275 -22.27 -2.71 13.48
CA ALA A 275 -22.39 -4.18 13.38
C ALA A 275 -21.21 -4.87 14.08
N LEU A 276 -19.98 -4.38 13.91
CA LEU A 276 -18.75 -4.99 14.51
C LEU A 276 -18.78 -4.83 16.04
N ILE A 277 -19.17 -3.65 16.52
CA ILE A 277 -19.37 -3.35 17.96
C ILE A 277 -20.50 -4.25 18.48
N GLY A 278 -21.44 -4.64 17.62
CA GLY A 278 -22.55 -5.56 17.95
C GLY A 278 -22.13 -7.02 18.12
N LEU A 279 -20.87 -7.39 17.89
CA LEU A 279 -20.37 -8.79 18.12
C LEU A 279 -20.20 -9.00 19.63
N ASP A 280 -21.29 -9.33 20.34
CA ASP A 280 -21.37 -9.23 21.82
C ASP A 280 -20.56 -10.35 22.49
N SER A 281 -20.14 -11.39 21.76
CA SER A 281 -19.31 -12.51 22.29
C SER A 281 -17.81 -12.16 22.26
N MET A 282 -17.44 -11.00 21.69
CA MET A 282 -16.04 -10.51 21.60
C MET A 282 -15.81 -9.42 22.65
N GLU A 283 -14.58 -9.29 23.13
CA GLU A 283 -14.12 -8.20 24.04
C GLU A 283 -13.45 -7.09 23.22
N ARG A 284 -12.75 -7.46 22.14
CA ARG A 284 -11.89 -6.55 21.34
C ARG A 284 -12.12 -6.81 19.84
N ILE A 285 -12.15 -5.74 19.06
CA ILE A 285 -12.07 -5.74 17.56
C ILE A 285 -10.78 -5.03 17.19
N SER A 286 -9.88 -5.70 16.47
CA SER A 286 -8.64 -5.08 15.92
C SER A 286 -8.80 -4.96 14.41
N ILE A 287 -8.23 -3.91 13.84
CA ILE A 287 -8.20 -3.68 12.37
C ILE A 287 -6.93 -2.94 12.03
N ILE A 288 -6.33 -3.25 10.88
CA ILE A 288 -5.15 -2.51 10.35
C ILE A 288 -5.69 -1.52 9.33
N THR A 289 -5.58 -0.23 9.64
CA THR A 289 -6.26 0.89 8.93
C THR A 289 -5.23 2.01 8.77
N HIS A 290 -5.68 3.22 8.43
CA HIS A 290 -4.82 4.39 8.13
C HIS A 290 -4.95 5.43 9.26
N PRO A 291 -3.95 6.33 9.44
CA PRO A 291 -3.99 7.33 10.50
C PRO A 291 -5.23 8.24 10.52
N GLN A 292 -5.90 8.48 9.39
CA GLN A 292 -7.07 9.38 9.38
C GLN A 292 -8.37 8.56 9.53
N ASP A 293 -8.33 7.28 9.92
CA ASP A 293 -9.58 6.49 10.08
C ASP A 293 -10.49 7.26 11.04
N PRO A 294 -11.74 7.58 10.64
CA PRO A 294 -12.66 8.33 11.51
C PRO A 294 -13.30 7.54 12.68
N LEU A 295 -13.06 6.24 12.80
CA LEU A 295 -13.69 5.40 13.85
C LEU A 295 -13.63 6.08 15.21
N PRO A 296 -12.47 6.58 15.68
CA PRO A 296 -12.39 7.14 17.04
C PRO A 296 -13.40 8.25 17.33
N HIS A 297 -13.78 9.02 16.30
CA HIS A 297 -14.69 10.20 16.41
C HIS A 297 -16.15 9.76 16.39
N LEU A 298 -16.41 8.50 16.05
CA LEU A 298 -17.79 7.93 16.01
C LEU A 298 -18.22 7.55 17.42
N LEU A 299 -17.27 7.41 18.36
CA LEU A 299 -17.53 6.92 19.74
C LEU A 299 -17.64 8.12 20.70
N THR A 300 -18.40 7.95 21.77
CA THR A 300 -18.54 8.95 22.86
C THR A 300 -17.17 9.16 23.53
N ASP A 301 -16.34 8.12 23.51
CA ASP A 301 -14.98 8.11 24.11
C ASP A 301 -13.97 7.72 23.02
N THR A 302 -13.32 8.73 22.43
CA THR A 302 -12.23 8.57 21.43
C THR A 302 -11.22 7.49 21.87
N ARG A 303 -10.89 7.40 23.16
CA ARG A 303 -9.73 6.66 23.70
C ARG A 303 -9.97 5.13 23.65
N LEU A 304 -11.23 4.69 23.51
CA LEU A 304 -11.61 3.26 23.45
C LEU A 304 -11.00 2.61 22.22
N ALA A 305 -10.65 3.41 21.20
CA ALA A 305 -10.01 2.96 19.95
C ALA A 305 -8.49 3.19 20.05
N ARG A 306 -7.81 2.39 20.87
CA ARG A 306 -6.36 2.51 21.14
C ARG A 306 -5.59 2.13 19.89
N THR A 307 -4.62 2.97 19.51
CA THR A 307 -3.58 2.66 18.49
C THR A 307 -2.51 1.79 19.14
N THR A 308 -2.48 0.51 18.73
CA THR A 308 -1.68 -0.59 19.32
C THR A 308 -0.42 -0.86 18.51
N TRP A 309 -0.32 -0.35 17.27
CA TRP A 309 0.73 -0.73 16.28
C TRP A 309 0.75 0.24 15.10
N ARG A 310 1.94 0.55 14.59
CA ARG A 310 2.12 1.52 13.48
C ARG A 310 3.35 1.14 12.67
N GLN A 311 3.24 1.18 11.35
CA GLN A 311 4.35 0.76 10.48
C GLN A 311 4.18 1.39 9.09
N ASP A 312 5.30 1.68 8.44
CA ASP A 312 5.36 1.92 6.98
C ASP A 312 4.52 0.83 6.32
N GLY A 313 3.70 1.20 5.33
CA GLY A 313 2.96 0.26 4.48
C GLY A 313 3.63 0.13 3.13
N LEU A 314 3.06 0.77 2.11
CA LEU A 314 3.58 0.76 0.71
C LEU A 314 4.77 1.70 0.60
N TRP A 315 5.82 1.27 -0.11
CA TRP A 315 7.02 2.07 -0.44
C TRP A 315 7.02 2.37 -1.94
N LEU A 316 7.37 3.59 -2.32
CA LEU A 316 7.43 4.02 -3.74
C LEU A 316 8.86 4.40 -4.12
N ARG A 317 9.29 3.94 -5.29
CA ARG A 317 10.44 4.50 -6.03
C ARG A 317 9.89 5.22 -7.26
N ILE A 318 10.18 6.52 -7.37
CA ILE A 318 9.80 7.36 -8.56
C ILE A 318 10.80 7.06 -9.67
N MET A 319 10.37 6.38 -10.73
CA MET A 319 11.27 5.90 -11.82
C MET A 319 11.57 7.05 -12.80
N ASN A 320 10.55 7.82 -13.18
CA ASN A 320 10.65 9.03 -14.05
C ASN A 320 10.05 10.20 -13.27
N VAL A 321 10.88 11.15 -12.82
CA VAL A 321 10.44 12.28 -11.94
C VAL A 321 9.43 13.16 -12.67
N PRO A 322 9.76 13.75 -13.85
CA PRO A 322 8.81 14.58 -14.58
C PRO A 322 7.48 13.89 -14.87
N ALA A 323 7.50 12.63 -15.31
CA ALA A 323 6.28 11.85 -15.66
C ALA A 323 5.38 11.72 -14.44
N ALA A 324 5.96 11.39 -13.27
CA ALA A 324 5.22 11.13 -12.01
C ALA A 324 4.68 12.44 -11.41
N LEU A 325 5.54 13.45 -11.21
CA LEU A 325 5.14 14.77 -10.66
C LEU A 325 4.01 15.38 -11.50
N GLU A 326 4.09 15.26 -12.82
CA GLU A 326 3.06 15.82 -13.75
C GLU A 326 1.76 15.02 -13.65
N ALA A 327 1.83 13.70 -13.44
CA ALA A 327 0.67 12.79 -13.53
C ALA A 327 -0.34 13.02 -12.41
N ARG A 328 0.08 13.39 -11.20
CA ARG A 328 -0.82 13.49 -10.01
C ARG A 328 -1.43 14.90 -9.92
N GLY A 329 -2.54 15.02 -9.17
CA GLY A 329 -3.19 16.28 -8.82
C GLY A 329 -2.56 16.92 -7.59
N TYR A 330 -2.75 18.23 -7.39
CA TYR A 330 -2.23 19.00 -6.23
C TYR A 330 -3.37 19.83 -5.65
N ALA A 331 -3.21 20.26 -4.39
CA ALA A 331 -4.19 21.12 -3.68
C ALA A 331 -4.49 22.38 -4.53
N HIS A 332 -5.76 22.60 -4.85
CA HIS A 332 -6.27 23.85 -5.50
C HIS A 332 -6.10 25.04 -4.55
N GLU A 333 -5.98 24.79 -3.24
CA GLU A 333 -6.13 25.83 -2.19
C GLU A 333 -4.91 26.75 -2.18
N VAL A 334 -3.71 26.20 -2.35
CA VAL A 334 -2.44 26.98 -2.51
C VAL A 334 -2.43 27.64 -3.91
N GLY A 335 -1.96 28.88 -4.00
CA GLY A 335 -1.89 29.61 -5.28
C GLY A 335 -0.73 29.10 -6.12
N GLU A 336 -0.73 29.43 -7.42
CA GLU A 336 0.36 29.13 -8.38
C GLU A 336 1.70 29.62 -7.83
N PHE A 337 2.75 28.80 -7.99
CA PHE A 337 4.14 29.03 -7.52
C PHE A 337 5.10 28.11 -8.30
N SER A 338 6.35 28.56 -8.44
CA SER A 338 7.42 27.92 -9.27
C SER A 338 8.64 27.65 -8.40
N THR A 339 9.53 26.78 -8.86
CA THR A 339 10.81 26.48 -8.18
C THR A 339 11.66 25.52 -9.02
N VAL A 340 12.90 25.30 -8.60
CA VAL A 340 13.81 24.29 -9.18
C VAL A 340 14.02 23.20 -8.12
N LEU A 341 13.56 21.98 -8.43
CA LEU A 341 13.79 20.76 -7.62
C LEU A 341 14.99 20.02 -8.20
N GLU A 342 15.92 19.57 -7.34
CA GLU A 342 17.05 18.68 -7.69
C GLU A 342 16.91 17.37 -6.93
N VAL A 343 16.87 16.25 -7.64
CA VAL A 343 16.90 14.87 -7.10
C VAL A 343 18.33 14.35 -7.25
N SER A 344 18.99 13.93 -6.17
CA SER A 344 20.38 13.38 -6.22
C SER A 344 20.43 12.27 -7.26
N ASP A 345 21.25 12.42 -8.29
CA ASP A 345 21.48 11.40 -9.35
C ASP A 345 20.15 11.01 -10.00
N GLY A 346 19.24 11.98 -10.17
CA GLY A 346 17.90 11.77 -10.74
C GLY A 346 17.43 12.94 -11.61
N GLY A 347 18.28 13.96 -11.78
CA GLY A 347 18.03 15.15 -12.63
C GLY A 347 17.65 16.38 -11.82
N ARG A 348 17.52 17.53 -12.50
CA ARG A 348 17.11 18.83 -11.92
C ARG A 348 16.01 19.42 -12.79
N PHE A 349 14.93 19.92 -12.18
CA PHE A 349 13.66 20.27 -12.87
C PHE A 349 13.11 21.62 -12.39
N ALA A 350 12.70 22.43 -13.34
CA ALA A 350 11.81 23.58 -13.12
C ALA A 350 10.42 23.02 -12.83
N LEU A 351 10.01 23.10 -11.57
CA LEU A 351 8.67 22.70 -11.10
C LEU A 351 7.77 23.94 -11.03
N LYS A 352 6.62 23.90 -11.70
CA LYS A 352 5.61 24.99 -11.67
C LYS A 352 4.28 24.35 -11.30
N ILE A 353 3.62 24.80 -10.23
CA ILE A 353 2.36 24.20 -9.69
C ILE A 353 1.30 25.27 -9.56
N GLY A 354 0.21 25.14 -10.33
CA GLY A 354 -1.01 25.94 -10.12
C GLY A 354 -2.23 25.19 -10.63
N ASP A 355 -3.41 25.45 -10.06
CA ASP A 355 -4.71 24.88 -10.49
C ASP A 355 -4.70 23.37 -10.25
N GLY A 356 -3.92 22.93 -9.25
CA GLY A 356 -3.72 21.51 -8.94
C GLY A 356 -3.12 20.69 -10.07
N ARG A 357 -2.55 21.32 -11.10
CA ARG A 357 -1.69 20.65 -12.12
C ARG A 357 -0.24 21.10 -11.89
N ALA A 358 0.73 20.31 -12.39
CA ALA A 358 2.18 20.60 -12.35
C ALA A 358 2.78 20.47 -13.75
N ARG A 359 3.70 21.37 -14.11
CA ARG A 359 4.61 21.25 -15.28
C ARG A 359 6.03 21.08 -14.73
N CYS A 360 6.72 20.02 -15.18
CA CYS A 360 8.07 19.60 -14.72
C CYS A 360 8.99 19.44 -15.94
N THR A 361 9.91 20.39 -16.14
CA THR A 361 10.75 20.47 -17.36
C THR A 361 12.23 20.54 -16.97
N PRO A 362 13.14 20.03 -17.83
CA PRO A 362 14.57 20.09 -17.54
C PRO A 362 15.05 21.52 -17.33
N THR A 363 16.16 21.68 -16.61
CA THR A 363 16.81 22.99 -16.38
C THR A 363 18.19 22.80 -15.74
N ASP A 364 19.09 23.77 -15.92
CA ASP A 364 20.42 23.80 -15.27
C ASP A 364 20.47 24.97 -14.29
N ALA A 365 19.36 25.67 -14.09
CA ALA A 365 19.22 26.80 -13.14
C ALA A 365 19.57 26.34 -11.73
N ALA A 366 20.05 27.26 -10.87
CA ALA A 366 20.42 26.99 -9.46
C ALA A 366 19.25 26.28 -8.77
N ALA A 367 19.54 25.16 -8.08
CA ALA A 367 18.53 24.34 -7.37
C ALA A 367 18.09 25.08 -6.11
N GLU A 368 16.78 25.07 -5.82
CA GLU A 368 16.18 25.67 -4.59
C GLU A 368 15.88 24.56 -3.56
N ILE A 369 15.39 23.40 -4.02
CA ILE A 369 15.17 22.17 -3.19
C ILE A 369 16.09 21.05 -3.68
N GLU A 370 16.79 20.37 -2.77
CA GLU A 370 17.48 19.09 -3.03
C GLU A 370 16.84 18.00 -2.16
N MET A 371 16.79 16.77 -2.67
CA MET A 371 16.35 15.57 -1.91
C MET A 371 16.84 14.32 -2.64
N ASP A 372 17.05 13.22 -1.92
CA ASP A 372 17.30 11.88 -2.54
C ASP A 372 15.97 11.36 -3.09
N ARG A 373 16.00 10.36 -3.96
CA ARG A 373 14.83 9.88 -4.75
C ARG A 373 13.79 9.24 -3.82
N ASP A 374 14.24 8.61 -2.73
CA ASP A 374 13.35 7.96 -1.73
C ASP A 374 12.47 9.04 -1.07
N VAL A 375 13.05 10.19 -0.73
CA VAL A 375 12.32 11.29 -0.06
C VAL A 375 11.13 11.66 -0.94
N LEU A 376 11.35 11.79 -2.25
CA LEU A 376 10.27 12.14 -3.21
C LEU A 376 9.17 11.07 -3.15
N GLY A 377 9.55 9.79 -3.09
CA GLY A 377 8.64 8.64 -2.94
C GLY A 377 7.71 8.79 -1.75
N SER A 378 8.24 9.21 -0.60
CA SER A 378 7.50 9.46 0.68
C SER A 378 6.49 10.61 0.54
N LEU A 379 6.90 11.72 -0.10
CA LEU A 379 6.05 12.91 -0.33
C LEU A 379 4.89 12.60 -1.29
N TYR A 380 5.05 11.65 -2.22
CA TYR A 380 4.27 11.56 -3.48
C TYR A 380 2.77 11.31 -3.23
N LEU A 381 2.39 10.46 -2.28
CA LEU A 381 0.95 10.13 -1.99
C LEU A 381 0.41 11.03 -0.86
N GLY A 382 1.22 11.99 -0.39
CA GLY A 382 0.82 12.97 0.64
C GLY A 382 0.80 12.37 2.04
N ALA A 383 1.53 11.30 2.32
CA ALA A 383 1.55 10.65 3.64
C ALA A 383 2.43 11.43 4.63
N HIS A 384 3.53 11.99 4.13
CA HIS A 384 4.59 12.65 4.92
C HIS A 384 4.69 14.10 4.47
N ARG A 385 4.81 15.02 5.44
CA ARG A 385 4.91 16.48 5.20
C ARG A 385 6.38 16.84 4.95
N ALA A 386 6.64 17.72 3.99
CA ALA A 386 7.99 18.20 3.64
C ALA A 386 8.65 18.85 4.86
N SER A 387 7.93 19.72 5.60
CA SER A 387 8.33 20.28 6.91
C SER A 387 9.07 19.25 7.76
N THR A 388 8.49 18.04 7.89
CA THR A 388 9.00 16.97 8.78
C THR A 388 10.32 16.44 8.21
N LEU A 389 10.34 16.13 6.91
CA LEU A 389 11.53 15.54 6.25
C LEU A 389 12.64 16.58 6.19
N ALA A 390 12.27 17.86 6.10
CA ALA A 390 13.20 19.01 6.08
C ALA A 390 13.90 19.11 7.44
N ALA A 391 13.14 18.95 8.54
CA ALA A 391 13.64 19.01 9.94
C ALA A 391 14.72 17.95 10.15
N ALA A 392 14.67 16.83 9.42
CA ALA A 392 15.60 15.69 9.50
C ALA A 392 16.76 15.88 8.52
N ASN A 393 16.72 17.00 7.78
CA ASN A 393 17.66 17.39 6.71
C ASN A 393 17.64 16.35 5.57
N ARG A 394 16.54 15.64 5.39
CA ARG A 394 16.34 14.69 4.27
C ARG A 394 15.97 15.46 3.00
N LEU A 395 15.62 16.74 3.18
CA LEU A 395 15.08 17.64 2.13
C LEU A 395 15.60 19.06 2.37
N ARG A 396 16.68 19.46 1.68
CA ARG A 396 17.34 20.77 1.86
C ARG A 396 16.64 21.84 1.01
N THR A 397 16.36 22.98 1.64
CA THR A 397 15.98 24.26 0.98
C THR A 397 16.41 25.39 1.90
N LYS A 398 16.53 26.62 1.38
CA LYS A 398 16.95 27.81 2.16
C LYS A 398 15.77 28.77 2.32
N ASP A 399 14.61 28.46 1.73
CA ASP A 399 13.37 29.30 1.77
C ASP A 399 12.24 28.51 2.44
N SER A 400 11.73 28.98 3.58
CA SER A 400 10.72 28.23 4.39
C SER A 400 9.30 28.51 3.88
N GLN A 401 9.12 29.57 3.08
CA GLN A 401 7.84 29.87 2.40
C GLN A 401 7.59 28.82 1.31
N LEU A 402 8.67 28.40 0.65
CA LEU A 402 8.66 27.35 -0.41
C LEU A 402 8.33 26.00 0.21
N LEU A 403 8.82 25.77 1.43
CA LEU A 403 8.57 24.55 2.24
C LEU A 403 7.09 24.49 2.65
N ARG A 404 6.54 25.60 3.16
CA ARG A 404 5.09 25.72 3.48
C ARG A 404 4.26 25.37 2.25
N ARG A 405 4.72 25.78 1.07
CA ARG A 405 3.98 25.61 -0.21
C ARG A 405 4.05 24.16 -0.71
N LEU A 406 5.21 23.51 -0.62
CA LEU A 406 5.36 22.07 -0.96
C LEU A 406 4.42 21.26 -0.07
N ASP A 407 4.57 21.40 1.25
CA ASP A 407 3.66 20.82 2.26
C ASP A 407 2.22 20.89 1.76
N ALA A 408 1.74 22.11 1.44
CA ALA A 408 0.33 22.44 1.15
C ALA A 408 -0.09 21.82 -0.19
N ALA A 409 0.76 21.91 -1.21
CA ALA A 409 0.51 21.42 -2.59
C ALA A 409 0.44 19.89 -2.58
N PHE A 410 1.44 19.22 -2.00
CA PHE A 410 1.63 17.75 -2.10
C PHE A 410 0.62 17.00 -1.22
N ALA A 411 0.14 17.63 -0.14
CA ALA A 411 -0.95 17.12 0.74
C ALA A 411 -2.10 16.57 -0.12
N SER A 412 -2.70 15.44 0.28
CA SER A 412 -3.85 14.80 -0.42
C SER A 412 -5.17 15.16 0.26
N ASP A 413 -6.11 15.74 -0.48
CA ASP A 413 -7.47 16.09 -0.02
C ASP A 413 -8.09 14.85 0.62
N VAL A 414 -8.19 13.74 -0.12
CA VAL A 414 -8.65 12.40 0.36
C VAL A 414 -7.48 11.71 1.05
N PRO A 415 -7.66 11.13 2.26
CA PRO A 415 -6.55 10.56 3.01
C PRO A 415 -6.02 9.25 2.39
N VAL A 416 -4.70 9.09 2.38
CA VAL A 416 -3.98 7.99 1.68
C VAL A 416 -4.08 6.71 2.54
N GLN A 417 -4.29 5.58 1.85
CA GLN A 417 -4.61 4.24 2.43
C GLN A 417 -3.75 3.16 1.76
N THR A 418 -3.64 1.99 2.38
CA THR A 418 -2.79 0.87 1.88
C THR A 418 -3.74 -0.20 1.32
N ALA A 419 -3.55 -0.61 0.07
CA ALA A 419 -4.55 -1.42 -0.65
C ALA A 419 -4.47 -2.86 -0.15
N PHE A 420 -3.48 -3.62 -0.61
CA PHE A 420 -3.21 -5.01 -0.17
C PHE A 420 -1.71 -5.23 -0.29
N GLU A 421 -1.18 -6.19 0.47
CA GLU A 421 0.25 -6.60 0.45
C GLU A 421 0.50 -7.42 -0.81
N PHE A 422 1.67 -7.23 -1.42
CA PHE A 422 2.19 -8.07 -2.52
C PHE A 422 3.69 -8.29 -2.26
C12 RMV B . 7.43 -11.99 1.38
C13 RMV B . 7.49 -11.46 2.82
C18 RMV B . 3.23 -14.98 -3.83
C20 RMV B . 3.64 -13.85 -4.53
C21 RMV B . 4.36 -14.10 -5.85
C22 RMV B . 4.45 -15.51 -6.06
C23 RMV B . 5.17 -15.79 -7.37
C10 RMV B . 5.69 -11.13 0.05
C14 RMV B . 5.87 -13.54 0.29
C15 RMV B . 6.28 -13.58 -1.19
C24 RMV B . 5.10 -14.44 -8.09
C25 RMV B . 5.02 -13.38 -7.01
N01 RMV B . 3.76 -11.37 -4.68
C02 RMV B . 3.36 -12.58 -3.99
N03 RMV B . 2.73 -12.50 -2.84
C04 RMV B . 2.35 -13.60 -2.20
S05 RMV B . 1.47 -13.38 -0.63
C06 RMV B . 1.19 -11.57 -0.37
C07 RMV B . 1.93 -10.98 0.85
N08 RMV B . 3.38 -10.81 0.92
C09 RMV B . 4.20 -11.21 -0.22
N11 RMV B . 6.06 -12.22 0.92
O16 RMV B . 1.32 -10.64 1.78
N17 RMV B . 2.58 -14.83 -2.67
S19 RMV B . 3.71 -16.29 -4.75
C1 PEG C . -13.41 5.46 2.09
O1 PEG C . -12.86 6.69 1.65
C2 PEG C . -12.50 4.70 3.03
O2 PEG C . -13.10 3.46 3.43
C3 PEG C . -12.18 2.49 3.92
C4 PEG C . -11.75 2.85 5.32
O4 PEG C . -11.02 1.82 5.97
C1 PEG D . -10.28 14.74 -8.13
O1 PEG D . -11.00 14.04 -9.15
C2 PEG D . -10.78 14.41 -6.75
O2 PEG D . -9.69 14.35 -5.83
C3 PEG D . -9.67 13.15 -5.04
C4 PEG D . -8.31 12.98 -4.40
O4 PEG D . -7.69 11.73 -4.70
S DMS E . -6.07 16.55 -4.18
O DMS E . -6.29 15.14 -3.70
C1 DMS E . -4.30 16.76 -4.17
C2 DMS E . -6.35 16.56 -5.93
S DMS F . 8.18 -15.67 -15.71
O DMS F . 6.68 -15.72 -15.61
C1 DMS F . 8.65 -16.90 -16.90
C2 DMS F . 8.54 -14.22 -16.67
S SO4 G . 0.17 -6.65 14.05
O1 SO4 G . 0.41 -6.66 12.63
O2 SO4 G . -0.76 -7.71 14.39
O3 SO4 G . -0.38 -5.38 14.44
O4 SO4 G . 1.42 -6.87 14.74
C1 GOL H . 15.81 4.90 -12.59
O1 GOL H . 15.30 5.46 -13.79
C2 GOL H . 17.29 4.53 -12.71
O2 GOL H . 18.01 5.15 -11.65
C3 GOL H . 17.53 3.04 -12.70
O3 GOL H . 17.42 2.47 -14.00
S DMS I . -5.93 0.92 5.38
O DMS I . -4.89 1.87 4.81
C1 DMS I . -5.31 -0.75 5.16
C2 DMS I . -7.33 0.85 4.29
#